data_4PK1
#
_entry.id   4PK1
#
_cell.length_a   49.270
_cell.length_b   91.410
_cell.length_c   61.210
_cell.angle_alpha   90.00
_cell.angle_beta   92.85
_cell.angle_gamma   90.00
#
_symmetry.space_group_name_H-M   'P 1 21 1'
#
_entity_poly.entity_id   1
_entity_poly.type   'polypeptide(L)'
_entity_poly.pdbx_seq_one_letter_code
;GAMEAEIQQINIVGNHAFTTDELISHFQLRDEVPWWNVVGDRKYQKQKLAGDLETLRSYYLDRGYARFNIDSTQVSLTPD
KKGIYVTVNITEGDQYKLSGVEVSGNLAGHSAEIEQLTKIEPGELYNGTKVTKMEDDIKKLLGRYGYAYPRVQSMPEIND
ADKTVKLRVNVDAGNRFYVRKIRFEGNDTSKDAVLRREMRQMEGAWLGSDLVDQGKERLNRLGFFETVDTDTQRVPGSPD
QVDVVYKVKERNTGPGASGGSGGGSGGGSGGTASLFNSEEDVVKMSPLPTVENQFTPTTAWSTSVGSGIGNFYSNLHPAL
ADNVVYAADRAGLVKALNADDGKEIWSVSLAEKDGWFSKEPALLSGGVTVSGGHVYIGSEKAQVYALNTSDGTVAWQTKV
AGEALSRPVVSDGLVLIHTSNGQLQALNEADGAVKWTVNLDMPSLSLRGESAPTTAFGAAVVGGDNGRVSAVLMEQGQMI
WQQRISQATGSTEIDRLSDVDTTPVVVNGVVFALAYNGNLTALDLRSGQIMWKRELGSVNDFIVDGNRIYLVDQNDRVMA
LTIDGGVTLWTQSDLLHRLLTSPVLYNGNLVVGDSEGYLHWINVEDGRFVAQQKVDSSGFQTEPVAADGKLLIQAKDGTV
YSITR
;
_entity_poly.pdbx_strand_id   A
#
# COMPACT_ATOMS: atom_id res chain seq x y z
N GLU A 6 -6.38 -0.92 -17.48
CA GLU A 6 -6.38 -2.15 -16.72
C GLU A 6 -6.21 -1.86 -15.23
N ILE A 7 -6.93 -2.60 -14.39
CA ILE A 7 -6.77 -2.50 -12.95
C ILE A 7 -6.35 -3.85 -12.40
N GLN A 8 -5.51 -3.81 -11.37
CA GLN A 8 -4.93 -5.02 -10.83
C GLN A 8 -5.75 -5.55 -9.67
N GLN A 9 -6.24 -4.63 -8.84
CA GLN A 9 -6.93 -5.01 -7.63
C GLN A 9 -7.92 -3.95 -7.20
N ILE A 10 -8.98 -4.42 -6.57
CA ILE A 10 -9.86 -3.57 -5.80
C ILE A 10 -9.92 -4.13 -4.40
N ASN A 11 -9.70 -3.27 -3.41
CA ASN A 11 -9.71 -3.72 -2.03
C ASN A 11 -10.73 -2.98 -1.19
N ILE A 12 -11.14 -3.65 -0.12
CA ILE A 12 -12.01 -3.05 0.88
C ILE A 12 -11.36 -3.27 2.23
N VAL A 13 -11.30 -2.20 3.01
CA VAL A 13 -10.58 -2.22 4.26
C VAL A 13 -11.50 -1.75 5.37
N GLY A 14 -11.80 -2.66 6.29
CA GLY A 14 -12.74 -2.41 7.36
C GLY A 14 -13.96 -3.30 7.22
N ASN A 15 -13.87 -4.31 6.38
CA ASN A 15 -15.01 -5.15 6.05
C ASN A 15 -14.92 -6.52 6.75
N HIS A 16 -15.70 -6.65 7.81
CA HIS A 16 -15.65 -7.84 8.68
C HIS A 16 -16.93 -8.66 8.63
N ALA A 17 -18.04 -8.02 8.24
CA ALA A 17 -19.32 -8.70 8.12
C ALA A 17 -19.32 -9.67 6.94
N PHE A 18 -18.98 -9.15 5.77
CA PHE A 18 -18.97 -9.94 4.55
C PHE A 18 -17.53 -10.02 4.04
N THR A 19 -17.23 -11.07 3.28
CA THR A 19 -15.90 -11.24 2.72
C THR A 19 -15.69 -10.28 1.56
N THR A 20 -14.47 -9.80 1.39
CA THR A 20 -14.16 -8.76 0.41
C THR A 20 -14.56 -9.11 -1.03
N ASP A 21 -14.21 -10.30 -1.50
CA ASP A 21 -14.36 -10.64 -2.92
C ASP A 21 -15.81 -10.67 -3.41
N GLU A 22 -16.77 -10.64 -2.49
CA GLU A 22 -18.18 -10.78 -2.86
C GLU A 22 -18.90 -9.45 -2.98
N LEU A 23 -18.62 -8.52 -2.09
CA LEU A 23 -19.18 -7.18 -2.22
C LEU A 23 -18.67 -6.60 -3.53
N ILE A 24 -17.38 -6.81 -3.77
CA ILE A 24 -16.74 -6.39 -5.02
C ILE A 24 -17.47 -6.97 -6.22
N SER A 25 -17.82 -8.25 -6.14
CA SER A 25 -18.28 -9.00 -7.30
C SER A 25 -19.43 -8.35 -8.06
N HIS A 26 -20.14 -7.43 -7.40
CA HIS A 26 -21.23 -6.69 -8.04
C HIS A 26 -20.70 -5.40 -8.62
N PHE A 27 -19.43 -5.12 -8.39
CA PHE A 27 -18.82 -3.90 -8.90
C PHE A 27 -18.63 -4.06 -10.38
N GLN A 28 -18.90 -2.99 -11.09
CA GLN A 28 -18.80 -2.99 -12.53
C GLN A 28 -17.41 -2.53 -12.95
N LEU A 29 -16.46 -2.51 -12.00
CA LEU A 29 -15.19 -1.82 -12.19
C LEU A 29 -13.97 -2.68 -12.52
N ARG A 30 -14.07 -4.00 -12.42
CA ARG A 30 -12.94 -4.88 -12.82
C ARG A 30 -12.48 -4.57 -14.24
N ASP A 31 -13.31 -3.80 -14.92
CA ASP A 31 -13.18 -3.42 -16.30
C ASP A 31 -12.03 -2.47 -16.64
N GLU A 32 -11.02 -2.99 -17.35
CA GLU A 32 -10.01 -2.18 -18.05
C GLU A 32 -9.63 -0.85 -17.36
N GLN A 45 -13.31 7.21 -16.04
CA GLN A 45 -13.48 5.98 -15.27
C GLN A 45 -13.93 6.28 -13.84
N LYS A 46 -13.63 7.47 -13.35
CA LYS A 46 -14.01 7.88 -12.00
C LYS A 46 -15.53 7.89 -11.82
N GLN A 47 -16.22 8.08 -12.93
CA GLN A 47 -17.66 8.27 -12.93
C GLN A 47 -18.35 7.03 -12.36
N LYS A 48 -17.84 5.88 -12.75
CA LYS A 48 -18.44 4.62 -12.35
C LYS A 48 -18.09 4.19 -10.93
N LEU A 49 -16.92 4.58 -10.45
CA LEU A 49 -16.50 4.20 -9.10
C LEU A 49 -17.50 4.76 -8.10
N ALA A 50 -17.99 5.97 -8.36
CA ALA A 50 -19.04 6.57 -7.53
C ALA A 50 -20.30 5.71 -7.58
N GLY A 51 -20.60 5.20 -8.76
CA GLY A 51 -21.73 4.31 -8.94
C GLY A 51 -21.60 3.08 -8.07
N ASP A 52 -20.38 2.59 -7.92
CA ASP A 52 -20.14 1.35 -7.19
C ASP A 52 -19.91 1.58 -5.71
N LEU A 53 -19.48 2.79 -5.35
CA LEU A 53 -19.41 3.13 -3.95
C LEU A 53 -20.83 3.06 -3.41
N GLU A 54 -21.80 3.43 -4.24
CA GLU A 54 -23.20 3.35 -3.86
C GLU A 54 -23.73 1.93 -3.85
N THR A 55 -23.23 1.04 -4.71
CA THR A 55 -23.59 -0.37 -4.59
C THR A 55 -23.08 -0.87 -3.25
N LEU A 56 -21.89 -0.42 -2.88
CA LEU A 56 -21.28 -0.79 -1.61
C LEU A 56 -22.22 -0.41 -0.46
N ARG A 57 -22.64 0.86 -0.43
CA ARG A 57 -23.56 1.36 0.58
C ARG A 57 -24.86 0.59 0.57
N SER A 58 -25.47 0.55 -0.61
CA SER A 58 -26.77 -0.04 -0.76
C SER A 58 -26.70 -1.41 -0.10
N TYR A 59 -25.65 -2.16 -0.40
CA TYR A 59 -25.46 -3.50 0.13
C TYR A 59 -25.50 -3.57 1.66
N TYR A 60 -24.88 -2.61 2.34
CA TYR A 60 -24.87 -2.60 3.81
C TYR A 60 -26.21 -2.10 4.37
N LEU A 61 -26.73 -1.03 3.78
CA LEU A 61 -28.03 -0.52 4.20
C LEU A 61 -29.15 -1.52 3.91
N ASP A 62 -28.87 -2.53 3.07
CA ASP A 62 -29.84 -3.59 2.82
C ASP A 62 -29.72 -4.72 3.82
N ARG A 63 -28.74 -4.62 4.71
CA ARG A 63 -28.55 -5.64 5.74
C ARG A 63 -28.61 -5.01 7.13
N GLY A 64 -29.35 -3.91 7.26
CA GLY A 64 -29.59 -3.30 8.54
C GLY A 64 -28.41 -2.53 9.10
N TYR A 65 -27.38 -2.33 8.29
CA TYR A 65 -26.20 -1.60 8.75
C TYR A 65 -26.34 -0.11 8.52
N ALA A 66 -27.36 0.49 9.13
CA ALA A 66 -27.43 1.94 9.18
C ALA A 66 -26.20 2.40 9.97
N ARG A 67 -25.83 3.67 9.83
CA ARG A 67 -24.61 4.18 10.44
C ARG A 67 -23.40 3.42 9.89
N PHE A 68 -23.45 3.14 8.59
CA PHE A 68 -22.30 2.62 7.86
C PHE A 68 -21.60 3.81 7.21
N ASN A 69 -20.27 3.76 7.13
CA ASN A 69 -19.50 4.90 6.61
C ASN A 69 -18.37 4.51 5.67
N ILE A 70 -18.24 5.26 4.58
CA ILE A 70 -17.09 5.13 3.68
C ILE A 70 -16.12 6.29 3.93
N ASP A 71 -15.06 5.99 4.68
CA ASP A 71 -14.14 7.02 5.15
C ASP A 71 -13.27 7.60 4.04
N SER A 72 -12.66 6.73 3.23
CA SER A 72 -11.75 7.20 2.20
C SER A 72 -11.75 6.28 0.98
N THR A 73 -11.57 6.89 -0.19
CA THR A 73 -11.43 6.16 -1.43
C THR A 73 -10.11 6.58 -2.09
N GLN A 74 -9.32 5.59 -2.49
CA GLN A 74 -7.95 5.86 -2.98
C GLN A 74 -7.67 5.22 -4.33
N VAL A 75 -7.38 6.06 -5.32
CA VAL A 75 -7.00 5.58 -6.64
C VAL A 75 -5.49 5.59 -6.77
N SER A 76 -4.91 4.42 -7.04
CA SER A 76 -3.47 4.28 -7.19
C SER A 76 -3.13 3.73 -8.56
N LEU A 77 -1.88 3.91 -8.95
CA LEU A 77 -1.41 3.48 -10.26
C LEU A 77 0.04 3.03 -10.13
N THR A 78 0.31 1.80 -10.53
CA THR A 78 1.67 1.23 -10.41
C THR A 78 2.68 2.09 -11.17
N PRO A 79 3.98 1.90 -10.87
CA PRO A 79 5.01 2.68 -11.57
C PRO A 79 5.12 2.36 -13.05
N ASP A 80 4.62 1.20 -13.48
CA ASP A 80 4.78 0.78 -14.88
C ASP A 80 3.79 1.49 -15.80
N LYS A 81 3.11 2.50 -15.26
CA LYS A 81 2.31 3.47 -16.02
C LYS A 81 0.87 3.02 -16.28
N LYS A 82 0.55 1.75 -15.99
CA LYS A 82 -0.85 1.33 -15.88
C LYS A 82 -1.02 -0.02 -15.20
N GLY A 83 -1.60 0.03 -14.02
CA GLY A 83 -2.00 -1.13 -13.26
C GLY A 83 -2.84 -0.61 -12.12
N ILE A 84 -3.90 0.12 -12.45
CA ILE A 84 -4.64 0.92 -11.48
C ILE A 84 -5.06 0.11 -10.26
N TYR A 85 -4.88 0.71 -9.09
CA TYR A 85 -5.26 0.11 -7.82
C TYR A 85 -6.38 0.90 -7.18
N VAL A 86 -7.33 0.20 -6.56
CA VAL A 86 -8.43 0.86 -5.88
C VAL A 86 -8.58 0.32 -4.46
N THR A 87 -8.69 1.24 -3.51
CA THR A 87 -8.87 0.88 -2.11
C THR A 87 -10.03 1.67 -1.51
N VAL A 88 -10.98 0.94 -0.95
CA VAL A 88 -12.16 1.55 -0.33
C VAL A 88 -12.16 1.29 1.17
N ASN A 89 -11.74 2.31 1.93
CA ASN A 89 -11.74 2.21 3.38
C ASN A 89 -13.11 2.54 3.94
N ILE A 90 -13.74 1.52 4.51
CA ILE A 90 -15.02 1.68 5.18
C ILE A 90 -14.84 1.45 6.68
N THR A 91 -15.80 1.94 7.46
CA THR A 91 -15.89 1.56 8.87
C THR A 91 -17.30 0.99 9.07
N GLU A 92 -17.35 -0.34 9.19
CA GLU A 92 -18.62 -1.08 9.26
C GLU A 92 -19.46 -0.71 10.47
N GLY A 93 -20.71 -0.33 10.22
CA GLY A 93 -21.62 -0.03 11.31
C GLY A 93 -22.02 -1.29 12.05
N ASP A 94 -22.86 -1.14 13.06
CA ASP A 94 -23.47 -2.27 13.73
C ASP A 94 -24.81 -2.60 13.08
N GLN A 95 -25.45 -3.66 13.54
CA GLN A 95 -26.74 -4.07 12.99
C GLN A 95 -27.88 -3.33 13.70
N TYR A 96 -28.88 -2.92 12.92
CA TYR A 96 -30.04 -2.22 13.46
C TYR A 96 -31.33 -2.77 12.85
N LYS A 97 -32.32 -3.04 13.70
CA LYS A 97 -33.63 -3.52 13.24
C LYS A 97 -34.62 -2.36 13.16
N LEU A 98 -35.71 -2.55 12.41
CA LEU A 98 -36.75 -1.53 12.31
C LEU A 98 -37.61 -1.51 13.56
N SER A 99 -37.77 -0.35 14.16
CA SER A 99 -38.63 -0.21 15.33
C SER A 99 -40.07 0.06 14.90
N GLY A 100 -40.23 0.63 13.72
CA GLY A 100 -41.55 0.90 13.19
C GLY A 100 -41.54 1.86 12.01
N VAL A 101 -42.74 2.29 11.62
CA VAL A 101 -42.90 3.19 10.49
C VAL A 101 -43.81 4.37 10.86
N GLU A 102 -43.35 5.56 10.51
CA GLU A 102 -44.14 6.78 10.70
C GLU A 102 -44.28 7.52 9.37
N VAL A 103 -45.52 7.79 8.98
CA VAL A 103 -45.82 8.44 7.69
C VAL A 103 -46.49 9.80 7.89
N SER A 104 -45.75 10.86 7.57
CA SER A 104 -46.18 12.22 7.84
C SER A 104 -46.21 13.09 6.59
N GLY A 105 -46.72 14.32 6.74
CA GLY A 105 -46.71 15.30 5.67
C GLY A 105 -48.05 15.50 4.99
N ASN A 106 -48.06 16.33 3.96
CA ASN A 106 -49.27 16.56 3.17
C ASN A 106 -49.56 15.36 2.29
N LEU A 107 -50.20 14.35 2.87
CA LEU A 107 -50.64 13.20 2.08
C LEU A 107 -51.95 13.55 1.34
N ALA A 108 -52.97 14.08 2.00
CA ALA A 108 -53.08 14.21 3.46
C ALA A 108 -54.31 13.44 3.95
N GLY A 109 -55.16 13.06 2.99
CA GLY A 109 -56.33 12.23 3.26
C GLY A 109 -56.11 10.80 2.78
N HIS A 110 -55.03 10.59 2.03
CA HIS A 110 -54.62 9.24 1.64
C HIS A 110 -53.81 8.59 2.76
N SER A 111 -53.73 9.26 3.91
CA SER A 111 -52.86 8.82 5.02
C SER A 111 -53.13 7.39 5.49
N ALA A 112 -54.28 6.84 5.09
CA ALA A 112 -54.64 5.47 5.46
C ALA A 112 -54.35 4.48 4.34
N GLU A 113 -54.46 4.95 3.09
CA GLU A 113 -54.26 4.09 1.93
C GLU A 113 -52.78 3.82 1.68
N ILE A 114 -51.93 4.77 2.08
CA ILE A 114 -50.50 4.69 1.80
C ILE A 114 -49.75 4.05 2.98
N GLU A 115 -50.19 4.32 4.21
CA GLU A 115 -49.50 3.82 5.39
C GLU A 115 -49.58 2.30 5.51
N GLN A 116 -50.70 1.73 5.05
CA GLN A 116 -50.86 0.28 5.04
C GLN A 116 -50.56 -0.26 3.64
N GLU A 124 -38.65 -6.26 11.57
CA GLU A 124 -37.67 -6.86 10.67
C GLU A 124 -36.42 -5.99 10.54
N LEU A 125 -35.53 -6.38 9.63
CA LEU A 125 -34.23 -5.73 9.47
C LEU A 125 -34.30 -4.57 8.49
N TYR A 126 -33.61 -3.47 8.80
CA TYR A 126 -33.65 -2.27 7.98
C TYR A 126 -33.03 -2.48 6.59
N ASN A 127 -33.87 -2.32 5.57
CA ASN A 127 -33.46 -2.47 4.18
C ASN A 127 -33.49 -1.14 3.43
N GLY A 128 -32.31 -0.57 3.20
CA GLY A 128 -32.20 0.71 2.50
C GLY A 128 -32.93 0.70 1.16
N THR A 129 -32.87 -0.44 0.49
CA THR A 129 -33.57 -0.59 -0.78
C THR A 129 -35.07 -0.56 -0.57
N LYS A 130 -35.57 -1.37 0.38
CA LYS A 130 -36.99 -1.44 0.66
C LYS A 130 -37.56 -0.06 0.98
N VAL A 131 -36.81 0.73 1.75
CA VAL A 131 -37.22 2.09 2.07
C VAL A 131 -37.36 2.91 0.80
N THR A 132 -36.28 2.97 0.03
CA THR A 132 -36.29 3.66 -1.25
C THR A 132 -37.32 3.04 -2.18
N LYS A 133 -37.49 1.72 -2.10
CA LYS A 133 -38.54 1.06 -2.86
C LYS A 133 -39.88 1.61 -2.40
N MET A 134 -40.03 1.76 -1.08
CA MET A 134 -41.24 2.35 -0.50
C MET A 134 -41.46 3.75 -1.05
N GLU A 135 -40.42 4.58 -0.94
CA GLU A 135 -40.43 5.95 -1.47
C GLU A 135 -41.04 6.03 -2.86
N ASP A 136 -40.56 5.18 -3.75
CA ASP A 136 -41.00 5.22 -5.15
C ASP A 136 -42.48 4.94 -5.26
N ASP A 137 -42.98 4.01 -4.45
CA ASP A 137 -44.39 3.66 -4.48
C ASP A 137 -45.22 4.83 -3.98
N ILE A 138 -44.75 5.50 -2.92
CA ILE A 138 -45.43 6.68 -2.42
C ILE A 138 -45.32 7.78 -3.48
N LYS A 139 -44.14 7.88 -4.10
CA LYS A 139 -43.91 8.86 -5.15
C LYS A 139 -44.73 8.56 -6.40
N LYS A 140 -45.02 7.28 -6.64
CA LYS A 140 -45.76 6.87 -7.83
C LYS A 140 -47.27 6.86 -7.58
N LEU A 141 -47.68 6.50 -6.37
CA LEU A 141 -49.10 6.40 -6.05
C LEU A 141 -49.78 7.74 -6.29
N LEU A 142 -49.19 8.82 -5.81
CA LEU A 142 -49.72 10.15 -6.06
C LEU A 142 -49.62 10.47 -7.55
N GLY A 143 -48.67 9.83 -8.22
CA GLY A 143 -48.50 9.99 -9.65
C GLY A 143 -49.75 9.61 -10.40
N ARG A 144 -50.48 8.63 -9.88
CA ARG A 144 -51.75 8.22 -10.47
C ARG A 144 -52.78 9.33 -10.33
N TYR A 145 -52.68 10.10 -9.26
CA TYR A 145 -53.63 11.18 -8.96
C TYR A 145 -53.18 12.52 -9.55
N GLY A 146 -52.20 12.48 -10.45
CA GLY A 146 -51.79 13.66 -11.19
C GLY A 146 -50.65 14.44 -10.56
N TYR A 147 -50.30 14.10 -9.33
CA TYR A 147 -49.17 14.75 -8.66
C TYR A 147 -47.88 14.39 -9.37
N ALA A 148 -47.46 15.25 -10.28
CA ALA A 148 -46.35 14.95 -11.18
C ALA A 148 -44.99 15.10 -10.51
N TYR A 149 -44.83 16.15 -9.70
CA TYR A 149 -43.54 16.42 -9.07
C TYR A 149 -43.62 16.50 -7.53
N PRO A 150 -44.01 15.39 -6.88
CA PRO A 150 -43.97 15.27 -5.42
C PRO A 150 -42.63 14.73 -4.93
N ARG A 151 -42.13 15.26 -3.83
CA ARG A 151 -40.84 14.82 -3.30
C ARG A 151 -40.97 14.34 -1.86
N VAL A 152 -40.46 13.14 -1.59
CA VAL A 152 -40.46 12.57 -0.26
C VAL A 152 -39.03 12.43 0.24
N GLN A 153 -38.82 12.70 1.51
CA GLN A 153 -37.52 12.47 2.12
C GLN A 153 -37.68 11.77 3.46
N SER A 154 -37.27 10.51 3.48
CA SER A 154 -37.41 9.68 4.66
C SER A 154 -36.07 9.50 5.35
N MET A 155 -35.98 9.97 6.59
CA MET A 155 -34.75 9.85 7.37
C MET A 155 -34.92 8.78 8.45
N PRO A 156 -33.98 7.83 8.51
CA PRO A 156 -33.87 6.90 9.64
C PRO A 156 -33.53 7.57 10.97
N GLU A 157 -34.46 7.48 11.91
CA GLU A 157 -34.20 7.94 13.26
C GLU A 157 -33.59 6.79 14.07
N ILE A 158 -32.36 7.00 14.54
CA ILE A 158 -31.59 5.92 15.16
C ILE A 158 -31.32 6.16 16.63
N ASN A 159 -31.37 5.08 17.42
CA ASN A 159 -30.85 5.09 18.78
C ASN A 159 -29.82 3.98 18.91
N ASP A 160 -28.57 4.38 19.13
CA ASP A 160 -27.47 3.43 19.25
C ASP A 160 -27.55 2.67 20.58
N ALA A 161 -28.37 3.19 21.49
CA ALA A 161 -28.51 2.61 22.82
C ALA A 161 -29.01 1.18 22.79
N ASP A 162 -30.11 0.95 22.09
CA ASP A 162 -30.71 -0.38 21.97
C ASP A 162 -30.67 -0.91 20.54
N LYS A 163 -29.95 -0.20 19.67
CA LYS A 163 -29.74 -0.61 18.28
C LYS A 163 -31.03 -0.89 17.50
N THR A 164 -31.84 0.15 17.33
CA THR A 164 -33.03 0.05 16.49
C THR A 164 -33.21 1.34 15.70
N VAL A 165 -33.81 1.21 14.52
CA VAL A 165 -34.05 2.35 13.66
C VAL A 165 -35.53 2.60 13.48
N LYS A 166 -35.97 3.80 13.83
CA LYS A 166 -37.33 4.24 13.53
C LYS A 166 -37.30 5.05 12.23
N LEU A 167 -38.08 4.61 11.25
CA LEU A 167 -38.11 5.28 9.96
C LEU A 167 -39.23 6.31 9.87
N ARG A 168 -38.84 7.55 9.63
CA ARG A 168 -39.79 8.66 9.57
C ARG A 168 -39.87 9.20 8.14
N VAL A 169 -41.08 9.42 7.64
CA VAL A 169 -41.28 9.75 6.23
C VAL A 169 -42.14 11.00 6.03
N ASN A 170 -41.53 12.17 6.11
CA ASN A 170 -42.26 13.39 5.79
C ASN A 170 -42.49 13.43 4.29
N VAL A 171 -43.57 14.08 3.88
CA VAL A 171 -44.00 14.06 2.48
C VAL A 171 -44.65 15.38 2.07
N ASP A 172 -44.26 15.90 0.91
CA ASP A 172 -44.97 17.01 0.31
C ASP A 172 -45.68 16.51 -0.94
N ALA A 173 -46.90 16.99 -1.16
CA ALA A 173 -47.71 16.57 -2.30
C ALA A 173 -47.38 17.42 -3.52
N GLY A 174 -47.71 16.92 -4.70
CA GLY A 174 -47.65 17.72 -5.90
C GLY A 174 -48.67 18.83 -5.81
N ASN A 175 -48.49 19.88 -6.59
CA ASN A 175 -49.41 21.02 -6.56
C ASN A 175 -50.77 20.64 -7.14
N ARG A 176 -50.78 19.66 -8.04
CA ARG A 176 -51.99 19.19 -8.70
C ARG A 176 -52.19 17.70 -8.48
N MET A 285 9.53 -1.41 -24.34
CA MET A 285 10.45 -2.24 -23.58
C MET A 285 11.64 -2.60 -24.47
N SER A 286 12.83 -2.13 -24.06
CA SER A 286 14.02 -2.27 -24.90
C SER A 286 14.68 -3.63 -24.68
N PRO A 287 15.29 -4.18 -25.73
CA PRO A 287 15.81 -5.54 -25.56
C PRO A 287 16.93 -5.61 -24.55
N LEU A 288 17.38 -6.83 -24.29
CA LEU A 288 18.49 -7.07 -23.41
C LEU A 288 19.67 -6.60 -24.17
N PRO A 289 20.81 -6.25 -23.43
CA PRO A 289 22.02 -6.18 -24.23
C PRO A 289 22.93 -7.39 -24.07
N THR A 290 23.83 -7.65 -25.02
CA THR A 290 24.90 -8.63 -24.85
C THR A 290 25.96 -8.25 -23.81
N VAL A 291 26.50 -9.24 -23.11
CA VAL A 291 27.46 -9.01 -22.06
C VAL A 291 28.53 -10.09 -22.07
N GLU A 292 29.76 -9.63 -21.89
CA GLU A 292 30.90 -10.49 -21.65
C GLU A 292 31.12 -10.47 -20.17
N ASN A 293 30.65 -11.51 -19.52
CA ASN A 293 30.81 -11.57 -18.09
C ASN A 293 31.74 -12.67 -17.70
N GLN A 294 32.86 -12.27 -17.14
CA GLN A 294 33.48 -12.99 -16.07
C GLN A 294 33.34 -11.90 -15.03
N PHE A 295 32.89 -12.18 -13.81
CA PHE A 295 32.47 -13.46 -13.26
C PHE A 295 31.23 -14.09 -13.87
N THR A 296 30.99 -15.34 -13.50
CA THR A 296 29.74 -16.02 -13.71
C THR A 296 28.98 -16.03 -12.38
N PRO A 297 27.83 -15.32 -12.25
CA PRO A 297 27.26 -15.59 -10.94
C PRO A 297 26.56 -16.94 -10.96
N THR A 298 26.04 -17.35 -9.82
CA THR A 298 25.36 -18.62 -9.78
C THR A 298 24.53 -18.74 -8.54
N THR A 299 23.37 -19.34 -8.71
CA THR A 299 22.42 -19.55 -7.63
C THR A 299 22.94 -20.60 -6.65
N ALA A 300 23.09 -20.22 -5.38
CA ALA A 300 23.51 -21.17 -4.36
C ALA A 300 22.35 -22.12 -4.04
N TRP A 301 21.17 -21.55 -3.79
CA TRP A 301 19.98 -22.33 -3.52
C TRP A 301 18.69 -21.60 -3.90
N SER A 302 17.60 -22.36 -3.97
CA SER A 302 16.28 -21.80 -4.20
C SER A 302 15.28 -22.54 -3.32
N THR A 303 14.39 -21.80 -2.69
CA THR A 303 13.32 -22.41 -1.92
C THR A 303 12.00 -21.71 -2.23
N SER A 304 10.99 -22.50 -2.57
CA SER A 304 9.69 -21.98 -2.91
C SER A 304 9.03 -21.31 -1.70
N VAL A 305 8.24 -20.28 -1.99
CA VAL A 305 7.45 -19.62 -0.96
C VAL A 305 6.09 -19.30 -1.54
N GLY A 306 5.28 -20.34 -1.72
CA GLY A 306 3.93 -20.19 -2.22
C GLY A 306 3.88 -19.67 -3.64
N SER A 307 2.91 -18.77 -3.89
CA SER A 307 2.66 -18.24 -5.21
C SER A 307 3.20 -16.81 -5.38
N GLY A 308 3.95 -16.34 -4.39
CA GLY A 308 4.57 -15.02 -4.45
C GLY A 308 3.57 -13.88 -4.58
N ILE A 309 4.06 -12.68 -4.84
CA ILE A 309 3.20 -11.51 -4.99
C ILE A 309 2.47 -11.50 -6.32
N GLY A 310 3.00 -12.20 -7.32
CA GLY A 310 2.45 -12.16 -8.66
C GLY A 310 2.68 -10.80 -9.28
N ASN A 311 1.72 -10.33 -10.07
CA ASN A 311 1.83 -9.01 -10.67
C ASN A 311 1.43 -7.91 -9.70
N PHE A 312 0.88 -8.30 -8.55
CA PHE A 312 0.44 -7.33 -7.53
C PHE A 312 1.60 -6.52 -6.98
N TYR A 313 1.59 -5.22 -7.23
CA TYR A 313 2.69 -4.38 -6.78
C TYR A 313 2.80 -4.48 -5.27
N SER A 314 3.73 -5.31 -4.82
CA SER A 314 4.01 -5.51 -3.42
C SER A 314 5.27 -4.77 -3.04
N ASN A 315 5.65 -4.87 -1.77
CA ASN A 315 6.96 -4.45 -1.31
C ASN A 315 7.65 -5.63 -0.63
N LEU A 316 6.91 -6.71 -0.40
CA LEU A 316 7.45 -7.92 0.24
C LEU A 316 8.82 -8.29 -0.30
N HIS A 317 9.74 -8.67 0.57
CA HIS A 317 11.06 -9.09 0.16
C HIS A 317 11.69 -9.86 1.31
N PRO A 318 12.69 -10.71 1.02
CA PRO A 318 13.30 -11.45 2.13
C PRO A 318 13.91 -10.53 3.16
N ALA A 319 14.43 -11.13 4.21
CA ALA A 319 15.23 -10.37 5.15
C ALA A 319 16.08 -11.38 5.84
N LEU A 320 17.23 -10.95 6.32
CA LEU A 320 18.13 -11.87 6.97
C LEU A 320 18.70 -11.17 8.18
N ALA A 321 18.92 -11.97 9.20
CA ALA A 321 19.43 -11.49 10.46
C ALA A 321 19.92 -12.69 11.20
N ASP A 322 21.17 -12.70 11.59
CA ASP A 322 21.70 -13.77 12.40
C ASP A 322 21.43 -15.08 11.72
N ASN A 323 21.51 -15.11 10.40
CA ASN A 323 21.51 -16.34 9.62
C ASN A 323 20.22 -17.01 9.15
N VAL A 324 19.05 -16.39 9.26
CA VAL A 324 17.83 -17.02 8.76
C VAL A 324 17.16 -16.07 7.83
N VAL A 325 16.66 -16.57 6.72
CA VAL A 325 15.97 -15.73 5.75
C VAL A 325 14.46 -15.80 5.97
N TYR A 326 13.83 -14.64 6.16
CA TYR A 326 12.37 -14.58 6.35
C TYR A 326 11.69 -13.99 5.13
N ALA A 327 10.96 -14.84 4.40
CA ALA A 327 10.18 -14.40 3.26
C ALA A 327 8.74 -14.82 3.45
N ALA A 328 7.84 -14.27 2.63
CA ALA A 328 6.42 -14.57 2.75
C ALA A 328 5.70 -14.51 1.40
N ASP A 329 4.51 -15.08 1.37
CA ASP A 329 3.65 -15.06 0.20
C ASP A 329 2.49 -14.10 0.44
N ARG A 330 1.97 -13.51 -0.62
CA ARG A 330 0.87 -12.56 -0.50
C ARG A 330 -0.36 -13.20 0.14
N ALA A 331 -0.51 -14.51 -0.06
CA ALA A 331 -1.65 -15.25 0.51
C ALA A 331 -1.60 -15.22 2.04
N GLY A 332 -0.41 -15.36 2.61
CA GLY A 332 -0.25 -15.31 4.04
C GLY A 332 0.94 -16.10 4.52
N LEU A 333 1.36 -17.08 3.72
CA LEU A 333 2.44 -17.98 4.11
C LEU A 333 3.70 -17.20 4.48
N VAL A 334 4.36 -17.65 5.54
CA VAL A 334 5.62 -17.07 5.97
C VAL A 334 6.60 -18.19 6.25
N LYS A 335 7.79 -18.09 5.67
CA LYS A 335 8.82 -19.10 5.85
C LYS A 335 10.08 -18.48 6.44
N ALA A 336 10.79 -19.25 7.26
CA ALA A 336 12.11 -18.88 7.73
C ALA A 336 13.12 -19.92 7.25
N LEU A 337 14.17 -19.44 6.56
CA LEU A 337 15.12 -20.32 5.89
C LEU A 337 16.54 -20.19 6.41
N ASN A 338 17.24 -21.32 6.48
CA ASN A 338 18.69 -21.32 6.69
C ASN A 338 19.37 -20.56 5.55
N ALA A 339 20.09 -19.49 5.86
CA ALA A 339 20.74 -18.68 4.83
C ALA A 339 21.78 -19.49 4.08
N ASP A 340 22.55 -20.26 4.85
CA ASP A 340 23.63 -21.06 4.33
C ASP A 340 23.17 -22.38 3.74
N ASP A 341 21.90 -22.70 3.99
CA ASP A 341 21.36 -24.02 3.66
C ASP A 341 20.11 -23.87 2.79
N GLY A 342 19.26 -22.89 3.10
CA GLY A 342 18.10 -22.57 2.29
C GLY A 342 16.88 -23.45 2.57
N LYS A 343 16.95 -24.14 3.72
CA LYS A 343 15.98 -25.16 4.13
C LYS A 343 15.07 -24.60 5.22
N GLU A 344 13.75 -24.84 5.13
CA GLU A 344 12.83 -24.38 6.18
C GLU A 344 13.31 -24.73 7.58
N ILE A 345 12.93 -23.89 8.53
CA ILE A 345 13.16 -24.17 9.95
C ILE A 345 11.84 -23.90 10.68
N TRP A 346 10.97 -23.11 10.05
CA TRP A 346 9.56 -23.05 10.43
C TRP A 346 8.73 -22.36 9.35
N SER A 347 7.47 -22.76 9.25
CA SER A 347 6.55 -22.19 8.27
C SER A 347 5.19 -21.93 8.92
N VAL A 348 4.48 -20.92 8.44
CA VAL A 348 3.21 -20.54 9.04
C VAL A 348 2.32 -19.81 8.05
N SER A 349 1.02 -20.07 8.15
CA SER A 349 0.01 -19.39 7.36
C SER A 349 -0.72 -18.38 8.24
N LEU A 350 -0.86 -17.14 7.74
CA LEU A 350 -1.56 -16.10 8.48
C LEU A 350 -2.90 -15.77 7.84
N ALA A 351 -3.72 -16.80 7.67
CA ALA A 351 -5.05 -16.64 7.09
C ALA A 351 -6.04 -17.57 7.78
N GLU A 360 -9.34 -16.57 3.53
CA GLU A 360 -9.07 -15.15 3.72
C GLU A 360 -7.59 -14.82 3.55
N PRO A 361 -7.14 -14.60 2.30
CA PRO A 361 -5.74 -14.23 2.03
C PRO A 361 -5.27 -13.07 2.91
N ALA A 362 -4.10 -13.21 3.51
CA ALA A 362 -3.56 -12.16 4.37
C ALA A 362 -3.35 -10.86 3.58
N LEU A 363 -3.03 -11.01 2.30
CA LEU A 363 -2.68 -9.89 1.43
C LEU A 363 -1.49 -9.11 1.97
N LEU A 364 -0.43 -9.84 2.32
CA LEU A 364 0.80 -9.21 2.79
C LEU A 364 1.39 -8.37 1.67
N SER A 365 1.84 -7.16 2.01
CA SER A 365 2.37 -6.24 1.01
C SER A 365 3.60 -5.50 1.49
N GLY A 366 3.70 -5.27 2.79
CA GLY A 366 4.81 -4.54 3.37
C GLY A 366 5.66 -5.42 4.27
N GLY A 367 6.93 -5.58 3.92
CA GLY A 367 7.85 -6.42 4.66
C GLY A 367 9.00 -6.82 3.78
N VAL A 368 9.88 -7.70 4.25
CA VAL A 368 9.86 -8.19 5.62
C VAL A 368 10.93 -7.48 6.43
N THR A 369 10.53 -6.89 7.55
CA THR A 369 11.51 -6.29 8.45
C THR A 369 11.82 -7.30 9.55
N VAL A 370 12.97 -7.11 10.19
CA VAL A 370 13.37 -7.95 11.31
C VAL A 370 14.14 -7.09 12.31
N SER A 371 13.77 -7.22 13.58
CA SER A 371 14.42 -6.46 14.64
C SER A 371 14.01 -6.97 16.01
N GLY A 372 14.98 -7.08 16.91
CA GLY A 372 14.72 -7.50 18.27
C GLY A 372 14.07 -8.87 18.34
N GLY A 373 14.39 -9.73 17.38
CA GLY A 373 13.83 -11.06 17.33
C GLY A 373 12.36 -11.06 16.97
N HIS A 374 11.96 -10.09 16.16
CA HIS A 374 10.61 -10.02 15.63
C HIS A 374 10.62 -9.98 14.10
N VAL A 375 9.52 -10.39 13.49
CA VAL A 375 9.36 -10.34 12.04
C VAL A 375 8.14 -9.53 11.68
N TYR A 376 8.35 -8.26 11.31
CA TYR A 376 7.25 -7.35 11.05
C TYR A 376 6.79 -7.39 9.60
N ILE A 377 5.51 -7.67 9.40
CA ILE A 377 4.89 -7.69 8.08
C ILE A 377 3.58 -6.90 8.14
N GLY A 378 3.37 -6.02 7.16
CA GLY A 378 2.13 -5.28 7.05
C GLY A 378 1.35 -5.80 5.85
N SER A 379 0.02 -5.80 5.95
CA SER A 379 -0.82 -6.35 4.90
C SER A 379 -1.76 -5.30 4.35
N GLU A 380 -2.34 -5.59 3.19
CA GLU A 380 -3.29 -4.68 2.55
C GLU A 380 -4.67 -4.88 3.17
N LYS A 381 -4.78 -5.82 4.09
CA LYS A 381 -6.01 -6.02 4.82
C LYS A 381 -5.98 -5.21 6.13
N ALA A 382 -5.08 -4.22 6.15
CA ALA A 382 -4.92 -3.29 7.27
C ALA A 382 -4.57 -4.00 8.58
N GLN A 383 -3.59 -4.88 8.53
CA GLN A 383 -3.14 -5.62 9.69
C GLN A 383 -1.63 -5.69 9.71
N VAL A 384 -1.02 -5.46 10.88
CA VAL A 384 0.42 -5.59 11.02
C VAL A 384 0.72 -6.72 11.99
N TYR A 385 1.56 -7.65 11.56
CA TYR A 385 1.88 -8.82 12.37
C TYR A 385 3.31 -8.74 12.88
N ALA A 386 3.53 -9.25 14.09
CA ALA A 386 4.87 -9.40 14.64
C ALA A 386 5.05 -10.83 15.10
N LEU A 387 6.04 -11.50 14.52
CA LEU A 387 6.23 -12.92 14.76
C LEU A 387 7.52 -13.18 15.52
N ASN A 388 7.51 -14.21 16.36
CA ASN A 388 8.74 -14.64 16.99
C ASN A 388 9.60 -15.31 15.94
N THR A 389 10.86 -14.94 15.93
CA THR A 389 11.83 -15.54 15.03
C THR A 389 11.97 -17.03 15.30
N SER A 390 11.76 -17.43 16.56
CA SER A 390 12.04 -18.79 17.00
C SER A 390 11.03 -19.81 16.47
N ASP A 391 9.75 -19.65 16.80
CA ASP A 391 8.72 -20.59 16.36
C ASP A 391 7.84 -20.02 15.25
N GLY A 392 7.91 -18.72 15.01
CA GLY A 392 7.13 -18.10 13.96
C GLY A 392 5.68 -17.88 14.40
N THR A 393 5.51 -17.77 15.71
CA THR A 393 4.19 -17.60 16.31
C THR A 393 3.89 -16.12 16.56
N VAL A 394 2.64 -15.75 16.37
CA VAL A 394 2.24 -14.34 16.37
C VAL A 394 2.43 -13.67 17.73
N ALA A 395 3.41 -12.78 17.81
CA ALA A 395 3.65 -12.03 19.04
C ALA A 395 2.52 -11.03 19.26
N TRP A 396 2.15 -10.35 18.18
CA TRP A 396 1.02 -9.43 18.23
C TRP A 396 0.48 -9.10 16.83
N GLN A 397 -0.73 -8.55 16.81
CA GLN A 397 -1.47 -8.19 15.61
C GLN A 397 -2.07 -6.83 15.87
N THR A 398 -1.90 -5.87 14.97
CA THR A 398 -2.49 -4.56 15.18
C THR A 398 -3.38 -4.13 14.01
N LYS A 399 -4.61 -3.75 14.32
CA LYS A 399 -5.46 -3.09 13.34
C LYS A 399 -4.83 -1.75 12.99
N VAL A 400 -4.67 -1.47 11.71
CA VAL A 400 -4.13 -0.20 11.26
C VAL A 400 -5.18 0.57 10.48
N ALA A 401 -4.92 1.85 10.29
CA ALA A 401 -5.90 2.76 9.71
C ALA A 401 -6.20 2.35 8.28
N GLY A 402 -5.20 1.82 7.60
CA GLY A 402 -5.34 1.43 6.22
C GLY A 402 -4.33 0.40 5.76
N GLU A 403 -4.22 0.28 4.43
CA GLU A 403 -3.31 -0.67 3.81
C GLU A 403 -1.86 -0.40 4.15
N ALA A 404 -1.23 -1.33 4.88
CA ALA A 404 0.16 -1.19 5.27
C ALA A 404 1.05 -1.74 4.16
N LEU A 405 1.41 -0.86 3.23
CA LEU A 405 2.15 -1.26 2.05
C LEU A 405 3.65 -1.13 2.27
N SER A 406 4.03 -0.21 3.16
CA SER A 406 5.44 0.12 3.34
C SER A 406 6.18 -0.97 4.11
N ARG A 407 7.51 -0.96 3.99
CA ARG A 407 8.35 -1.80 4.83
C ARG A 407 8.36 -1.21 6.23
N PRO A 408 8.13 -2.04 7.27
CA PRO A 408 8.09 -1.45 8.60
C PRO A 408 9.47 -1.14 9.16
N VAL A 409 9.69 0.07 9.64
CA VAL A 409 11.01 0.42 10.12
C VAL A 409 11.06 0.43 11.64
N VAL A 410 12.06 -0.24 12.18
CA VAL A 410 12.19 -0.42 13.61
C VAL A 410 13.42 0.30 14.13
N SER A 411 13.22 1.54 14.54
CA SER A 411 14.19 2.25 15.36
C SER A 411 13.54 2.67 16.66
N ASP A 412 14.21 2.32 17.75
CA ASP A 412 13.94 2.87 19.08
C ASP A 412 12.64 2.36 19.72
N GLY A 413 12.41 1.06 19.60
CA GLY A 413 11.30 0.43 20.30
C GLY A 413 10.00 0.64 19.56
N LEU A 414 10.11 0.88 18.26
CA LEU A 414 9.00 1.34 17.45
C LEU A 414 8.84 0.53 16.18
N VAL A 415 7.73 0.75 15.50
CA VAL A 415 7.53 0.24 14.15
C VAL A 415 6.72 1.29 13.40
N LEU A 416 7.39 2.05 12.55
CA LEU A 416 6.73 3.10 11.80
C LEU A 416 6.16 2.55 10.52
N ILE A 417 4.87 2.78 10.30
CA ILE A 417 4.21 2.28 9.09
C ILE A 417 3.55 3.42 8.33
N HIS A 418 3.60 3.31 7.02
CA HIS A 418 2.95 4.27 6.15
C HIS A 418 1.80 3.56 5.46
N THR A 419 0.59 4.08 5.66
CA THR A 419 -0.59 3.47 5.11
C THR A 419 -1.05 4.27 3.89
N SER A 420 -1.91 3.64 3.08
CA SER A 420 -2.37 4.24 1.84
C SER A 420 -3.35 5.39 2.05
N ASN A 421 -3.80 5.59 3.28
CA ASN A 421 -4.63 6.75 3.60
C ASN A 421 -3.77 7.89 4.14
N GLY A 422 -2.48 7.84 3.81
CA GLY A 422 -1.56 8.88 4.19
C GLY A 422 -1.39 8.97 5.70
N GLN A 423 -1.33 7.81 6.34
CA GLN A 423 -1.14 7.74 7.78
C GLN A 423 0.24 7.21 8.13
N LEU A 424 0.99 8.00 8.90
CA LEU A 424 2.23 7.52 9.47
C LEU A 424 1.98 7.21 10.92
N GLN A 425 2.49 6.06 11.33
CA GLN A 425 2.02 5.40 12.53
C GLN A 425 3.14 4.73 13.24
N ALA A 426 3.11 4.82 14.56
CA ALA A 426 4.13 4.20 15.39
C ALA A 426 3.44 3.27 16.38
N LEU A 427 4.03 2.10 16.62
CA LEU A 427 3.47 1.14 17.58
C LEU A 427 4.55 0.39 18.34
N ASN A 428 4.25 0.04 19.58
CA ASN A 428 5.22 -0.61 20.46
C ASN A 428 5.63 -1.96 19.87
N GLU A 429 6.87 -2.36 20.13
CA GLU A 429 7.43 -3.58 19.55
C GLU A 429 6.88 -4.83 20.19
N ALA A 430 6.45 -4.71 21.44
CA ALA A 430 6.10 -5.87 22.24
C ALA A 430 4.60 -6.14 22.22
N ASP A 431 3.78 -5.10 22.16
CA ASP A 431 2.32 -5.28 22.18
C ASP A 431 1.63 -4.74 20.92
N GLY A 432 2.37 -4.02 20.08
CA GLY A 432 1.83 -3.50 18.85
C GLY A 432 0.69 -2.52 19.04
N ALA A 433 0.76 -1.73 20.09
CA ALA A 433 -0.25 -0.71 20.36
C ALA A 433 0.16 0.63 19.75
N VAL A 434 -0.77 1.26 19.05
CA VAL A 434 -0.56 2.57 18.45
C VAL A 434 -0.17 3.61 19.50
N LYS A 435 0.99 4.25 19.29
CA LYS A 435 1.44 5.31 20.19
C LYS A 435 1.01 6.68 19.67
N TRP A 436 1.37 6.97 18.43
CA TRP A 436 0.92 8.19 17.77
C TRP A 436 0.59 7.93 16.31
N THR A 437 -0.09 8.89 15.69
CA THR A 437 -0.55 8.74 14.33
C THR A 437 -0.69 10.11 13.67
N VAL A 438 -0.06 10.24 12.50
CA VAL A 438 -0.04 11.47 11.71
C VAL A 438 -0.59 11.29 10.31
N ASN A 439 -1.47 12.20 9.89
CA ASN A 439 -2.05 12.24 8.57
C ASN A 439 -1.15 13.08 7.69
N LEU A 440 -0.42 12.44 6.84
CA LEU A 440 0.48 13.09 5.94
C LEU A 440 -0.20 13.91 4.86
N ASP A 441 -1.33 13.40 4.39
CA ASP A 441 -2.13 13.91 3.28
C ASP A 441 -1.87 13.11 2.07
N MET A 442 -2.81 13.12 1.12
CA MET A 442 -2.69 12.29 -0.06
C MET A 442 -3.50 12.78 -1.20
N PRO A 443 -3.08 12.54 -2.44
CA PRO A 443 -4.00 12.88 -3.50
C PRO A 443 -4.83 11.77 -4.13
N SER A 444 -5.53 12.21 -5.17
CA SER A 444 -6.35 11.37 -6.04
C SER A 444 -5.68 10.33 -6.90
N LEU A 445 -4.53 10.60 -7.49
CA LEU A 445 -3.76 9.57 -8.11
C LEU A 445 -2.41 9.62 -7.53
N SER A 446 -1.85 8.45 -7.28
CA SER A 446 -0.79 8.29 -6.35
C SER A 446 0.07 7.13 -6.72
N LEU A 447 0.81 6.67 -5.73
CA LEU A 447 2.08 5.99 -5.76
C LEU A 447 1.51 4.59 -5.91
N ARG A 448 2.23 3.50 -5.80
CA ARG A 448 1.68 2.36 -5.13
C ARG A 448 2.72 2.11 -4.10
N GLY A 449 2.41 2.33 -2.85
CA GLY A 449 3.36 2.78 -1.88
C GLY A 449 4.00 1.88 -0.90
N GLU A 450 4.53 2.42 0.18
CA GLU A 450 4.48 3.84 0.51
C GLU A 450 5.79 4.18 1.11
N SER A 451 6.18 5.43 1.05
CA SER A 451 7.50 5.84 1.49
C SER A 451 7.70 5.43 2.96
N ALA A 452 8.79 4.70 3.19
CA ALA A 452 9.10 4.07 4.48
C ALA A 452 10.19 4.87 5.15
N PRO A 453 10.05 5.20 6.44
CA PRO A 453 10.93 6.29 6.85
C PRO A 453 12.39 5.95 7.08
N THR A 454 13.10 6.95 7.59
CA THR A 454 14.46 6.84 8.05
C THR A 454 14.40 7.36 9.46
N THR A 455 15.32 6.96 10.31
CA THR A 455 15.34 7.42 11.67
C THR A 455 16.61 8.18 11.85
N ALA A 456 16.53 9.44 12.28
CA ALA A 456 17.69 10.27 12.48
C ALA A 456 17.68 10.92 13.83
N PHE A 457 18.08 10.18 14.85
CA PHE A 457 17.93 10.64 16.21
C PHE A 457 16.54 11.09 16.54
N GLY A 458 15.62 10.15 16.66
CA GLY A 458 14.32 10.49 17.15
C GLY A 458 13.73 11.53 16.27
N ALA A 459 13.86 11.28 14.98
CA ALA A 459 13.01 11.88 14.00
C ALA A 459 12.72 10.82 12.99
N ALA A 460 11.58 10.90 12.36
CA ALA A 460 11.29 10.06 11.24
C ALA A 460 11.20 11.00 10.10
N VAL A 461 12.03 10.78 9.09
CA VAL A 461 11.91 11.54 7.89
C VAL A 461 11.23 10.59 6.95
N VAL A 462 10.06 11.00 6.49
CA VAL A 462 9.23 10.20 5.61
C VAL A 462 8.78 11.11 4.49
N GLY A 463 8.56 10.53 3.32
CA GLY A 463 8.15 11.29 2.17
C GLY A 463 6.69 11.06 1.83
N GLY A 464 6.46 10.10 0.94
CA GLY A 464 5.12 9.81 0.46
C GLY A 464 4.52 10.99 -0.25
N ASP A 465 3.45 10.75 -0.99
CA ASP A 465 2.60 11.83 -1.45
C ASP A 465 2.13 12.57 -0.19
N ASN A 466 1.78 13.87 -0.26
CA ASN A 466 1.53 14.66 -1.47
C ASN A 466 2.64 14.72 -2.51
N GLY A 467 3.88 14.61 -2.04
CA GLY A 467 5.04 14.75 -2.89
C GLY A 467 6.00 15.69 -2.22
N ARG A 468 6.08 15.56 -0.91
CA ARG A 468 6.86 16.45 -0.07
C ARG A 468 7.30 15.70 1.16
N VAL A 469 8.56 15.86 1.53
CA VAL A 469 9.10 15.19 2.71
C VAL A 469 8.54 15.78 3.99
N SER A 470 8.30 14.90 4.96
CA SER A 470 7.79 15.29 6.26
C SER A 470 8.64 14.66 7.36
N ALA A 471 9.34 15.49 8.13
CA ALA A 471 10.16 15.01 9.24
C ALA A 471 9.45 15.23 10.57
N VAL A 472 9.13 14.15 11.28
CA VAL A 472 8.33 14.24 12.52
C VAL A 472 9.07 13.63 13.70
N LEU A 473 9.08 14.31 14.84
CA LEU A 473 9.73 13.73 16.01
C LEU A 473 8.96 12.53 16.53
N MET A 474 9.69 11.66 17.19
CA MET A 474 9.25 10.30 17.40
C MET A 474 8.22 10.08 18.49
N GLU A 475 8.22 10.88 19.55
CA GLU A 475 7.10 10.85 20.49
C GLU A 475 6.62 12.28 20.72
N GLN A 476 5.46 12.69 20.18
CA GLN A 476 4.45 11.88 19.48
C GLN A 476 4.10 12.33 18.07
N GLY A 477 5.04 12.27 17.14
CA GLY A 477 4.74 12.56 15.76
C GLY A 477 4.15 13.94 15.66
N GLN A 478 5.02 14.91 15.92
CA GLN A 478 4.71 16.32 15.80
C GLN A 478 5.42 16.74 14.57
N MET A 479 4.68 17.33 13.65
CA MET A 479 5.32 17.92 12.51
C MET A 479 6.37 18.89 12.97
N ILE A 480 7.59 18.72 12.49
CA ILE A 480 8.54 19.79 12.51
C ILE A 480 8.33 20.58 11.24
N TRP A 481 8.97 20.08 10.18
CA TRP A 481 9.01 20.78 8.92
C TRP A 481 8.57 19.88 7.78
N GLN A 482 7.88 20.49 6.82
CA GLN A 482 7.48 19.81 5.61
C GLN A 482 8.00 20.60 4.42
N GLN A 483 8.85 19.96 3.62
CA GLN A 483 9.42 20.61 2.44
C GLN A 483 8.99 19.88 1.17
N ARG A 484 8.41 20.62 0.24
CA ARG A 484 8.05 20.03 -1.05
C ARG A 484 9.27 19.92 -1.95
N ILE A 485 9.43 18.74 -2.54
CA ILE A 485 10.59 18.42 -3.35
C ILE A 485 10.19 18.31 -4.83
N SER A 486 8.89 18.23 -5.08
CA SER A 486 8.36 18.13 -6.44
C SER A 486 8.61 19.41 -7.23
N SER A 498 1.26 13.39 -10.91
CA SER A 498 1.98 12.34 -10.19
C SER A 498 3.22 12.89 -9.52
N ASP A 499 3.08 13.26 -8.25
CA ASP A 499 4.15 13.95 -7.52
C ASP A 499 4.74 13.10 -6.40
N VAL A 500 4.39 11.81 -6.38
CA VAL A 500 4.62 10.96 -5.22
C VAL A 500 6.08 10.77 -4.87
N ASP A 501 6.35 10.05 -3.77
CA ASP A 501 7.68 10.10 -3.16
C ASP A 501 8.18 8.75 -2.63
N THR A 502 9.45 8.73 -2.23
CA THR A 502 10.08 7.52 -1.74
C THR A 502 11.28 7.74 -0.77
N THR A 503 11.61 6.66 -0.06
CA THR A 503 12.35 6.61 1.21
C THR A 503 13.58 7.50 1.40
N PRO A 504 13.52 8.44 2.37
CA PRO A 504 14.76 9.20 2.49
C PRO A 504 15.91 8.40 3.05
N VAL A 505 17.11 8.76 2.62
CA VAL A 505 18.34 8.29 3.22
C VAL A 505 18.91 9.48 3.97
N VAL A 506 19.49 9.22 5.14
CA VAL A 506 20.04 10.29 5.96
C VAL A 506 21.51 10.00 6.31
N VAL A 507 22.43 10.70 5.66
CA VAL A 507 23.85 10.51 5.91
C VAL A 507 24.62 11.81 5.67
N ASN A 508 24.79 12.65 6.69
CA ASN A 508 24.17 12.50 8.00
C ASN A 508 23.92 13.88 8.60
N GLY A 509 22.66 14.22 8.78
CA GLY A 509 22.25 15.62 8.95
C GLY A 509 21.74 16.12 7.61
N VAL A 510 21.96 15.31 6.58
CA VAL A 510 21.44 15.59 5.25
C VAL A 510 20.48 14.51 4.81
N VAL A 511 19.33 14.92 4.29
CA VAL A 511 18.34 13.96 3.81
C VAL A 511 18.32 13.91 2.30
N PHE A 512 18.23 12.70 1.76
CA PHE A 512 18.16 12.49 0.34
C PHE A 512 16.79 11.92 0.00
N ALA A 513 16.06 12.61 -0.89
CA ALA A 513 14.72 12.19 -1.29
C ALA A 513 14.63 12.02 -2.79
N LEU A 514 13.66 11.25 -3.26
CA LEU A 514 13.37 11.09 -4.67
C LEU A 514 11.88 11.03 -4.85
N ALA A 515 11.36 11.51 -5.95
CA ALA A 515 9.94 11.55 -6.18
C ALA A 515 9.68 11.17 -7.63
N TYR A 516 8.50 10.69 -7.98
CA TYR A 516 8.23 10.35 -9.36
C TYR A 516 8.34 11.66 -10.09
N ASN A 517 8.83 11.65 -11.32
CA ASN A 517 9.05 12.87 -12.03
C ASN A 517 10.15 13.52 -11.25
N GLY A 518 10.39 14.81 -11.46
CA GLY A 518 11.38 15.51 -10.69
C GLY A 518 10.86 15.47 -9.28
N ASN A 519 11.72 15.39 -8.28
CA ASN A 519 13.15 15.37 -8.46
C ASN A 519 13.92 14.87 -7.27
N LEU A 520 15.22 14.66 -7.44
CA LEU A 520 16.06 14.11 -6.42
C LEU A 520 16.68 15.23 -5.65
N THR A 521 16.44 15.24 -4.35
CA THR A 521 16.74 16.37 -3.52
C THR A 521 17.77 16.02 -2.45
N ALA A 522 18.54 17.01 -1.99
CA ALA A 522 19.32 16.87 -0.76
C ALA A 522 18.90 17.95 0.23
N LEU A 523 18.63 17.53 1.47
CA LEU A 523 17.94 18.41 2.41
C LEU A 523 18.58 18.58 3.78
N ASP A 524 18.28 19.73 4.38
CA ASP A 524 18.64 19.99 5.75
C ASP A 524 17.69 19.27 6.70
N LEU A 525 18.26 18.37 7.48
CA LEU A 525 17.50 17.54 8.39
C LEU A 525 16.79 18.40 9.42
N ARG A 526 17.54 19.30 10.04
CA ARG A 526 17.00 20.07 11.16
C ARG A 526 16.12 21.26 10.73
N SER A 527 16.29 21.78 9.51
CA SER A 527 15.43 22.91 9.06
C SER A 527 14.51 22.65 7.85
N GLY A 528 14.87 21.75 6.95
CA GLY A 528 14.02 21.46 5.79
C GLY A 528 14.43 22.15 4.49
N GLN A 529 15.52 22.92 4.53
CA GLN A 529 16.03 23.63 3.36
C GLN A 529 16.39 22.71 2.23
N ILE A 530 16.34 23.20 0.99
CA ILE A 530 16.92 22.41 -0.08
C ILE A 530 18.33 22.86 -0.40
N MET A 531 19.26 21.96 -0.16
CA MET A 531 20.66 22.22 -0.40
C MET A 531 20.96 22.09 -1.89
N TRP A 532 20.29 21.16 -2.57
CA TRP A 532 20.40 21.07 -4.03
C TRP A 532 19.41 20.08 -4.63
N LYS A 533 19.31 20.09 -5.96
CA LYS A 533 18.30 19.31 -6.66
C LYS A 533 18.71 18.85 -8.05
N ARG A 534 17.81 18.08 -8.65
CA ARG A 534 17.96 17.58 -10.00
C ARG A 534 16.61 17.64 -10.71
N GLU A 535 16.48 16.83 -11.75
CA GLU A 535 15.20 16.53 -12.37
C GLU A 535 15.26 15.10 -12.86
N LEU A 536 15.34 14.20 -11.89
CA LEU A 536 15.27 12.78 -12.18
C LEU A 536 14.62 12.15 -10.98
N GLY A 537 13.75 11.19 -11.21
CA GLY A 537 13.19 10.48 -10.09
C GLY A 537 12.76 9.07 -10.38
N SER A 538 12.63 8.26 -9.34
CA SER A 538 11.61 7.23 -9.36
C SER A 538 11.16 6.93 -7.97
N VAL A 539 10.11 6.12 -7.94
CA VAL A 539 9.57 5.55 -6.73
C VAL A 539 10.25 4.22 -6.46
N ASN A 540 11.57 4.21 -6.48
CA ASN A 540 12.25 3.04 -5.99
C ASN A 540 13.57 3.52 -5.46
N ASP A 541 14.13 2.73 -4.54
CA ASP A 541 15.05 3.28 -3.59
C ASP A 541 16.40 3.53 -4.22
N PHE A 542 17.30 4.09 -3.43
CA PHE A 542 18.57 4.55 -3.93
C PHE A 542 19.55 4.48 -2.78
N ILE A 543 20.71 3.89 -3.05
CA ILE A 543 21.72 3.75 -2.00
C ILE A 543 22.77 4.84 -2.08
N VAL A 544 23.23 5.23 -0.90
CA VAL A 544 24.29 6.18 -0.75
C VAL A 544 25.52 5.49 -0.15
N ASP A 545 26.20 4.70 -0.97
CA ASP A 545 27.52 4.18 -0.58
C ASP A 545 28.54 5.26 -0.87
N GLY A 546 29.57 5.35 -0.03
CA GLY A 546 30.62 6.32 -0.23
C GLY A 546 30.10 7.72 -0.40
N ASN A 547 30.76 8.48 -1.28
CA ASN A 547 30.38 9.86 -1.55
C ASN A 547 29.61 9.94 -2.87
N ARG A 548 28.73 8.97 -3.08
CA ARG A 548 27.92 8.92 -4.30
C ARG A 548 26.51 8.45 -4.01
N ILE A 549 25.73 8.34 -5.08
CA ILE A 549 24.33 7.93 -5.01
C ILE A 549 24.04 7.09 -6.24
N TYR A 550 23.81 5.80 -6.02
CA TYR A 550 23.42 4.89 -7.11
C TYR A 550 21.93 4.71 -7.08
N LEU A 551 21.25 5.25 -8.09
CA LEU A 551 19.82 5.09 -8.17
C LEU A 551 19.40 4.29 -9.38
N VAL A 552 18.10 4.02 -9.45
CA VAL A 552 17.46 3.57 -10.68
C VAL A 552 16.39 4.60 -11.00
N ASP A 553 16.40 5.06 -12.23
CA ASP A 553 15.63 6.22 -12.65
C ASP A 553 14.21 5.74 -13.07
N GLN A 554 13.29 6.66 -13.33
CA GLN A 554 11.92 6.29 -13.73
C GLN A 554 11.86 5.23 -14.78
N ASN A 555 12.89 5.20 -15.63
CA ASN A 555 12.86 4.42 -16.84
C ASN A 555 13.89 3.31 -16.80
N ASP A 556 14.17 2.82 -15.61
CA ASP A 556 15.12 1.72 -15.45
C ASP A 556 16.48 2.17 -15.95
N ARG A 557 16.72 3.47 -15.82
CA ARG A 557 18.03 4.02 -16.09
C ARG A 557 18.87 3.76 -14.86
N VAL A 558 20.17 3.96 -14.96
CA VAL A 558 21.06 3.69 -13.86
C VAL A 558 22.08 4.79 -13.89
N MET A 559 22.43 5.29 -12.71
CA MET A 559 23.20 6.51 -12.61
C MET A 559 24.02 6.50 -11.34
N ALA A 560 25.27 6.95 -11.43
CA ALA A 560 26.07 7.28 -10.26
C ALA A 560 26.24 8.77 -10.23
N LEU A 561 25.77 9.38 -9.15
CA LEU A 561 25.85 10.83 -8.95
C LEU A 561 26.55 11.10 -7.65
N THR A 562 27.30 12.18 -7.60
CA THR A 562 28.05 12.55 -6.42
C THR A 562 27.10 12.79 -5.26
N ILE A 563 27.66 12.84 -4.06
CA ILE A 563 26.87 13.17 -2.89
C ILE A 563 26.67 14.69 -2.82
N ASP A 564 27.68 15.43 -3.28
CA ASP A 564 27.64 16.88 -3.34
C ASP A 564 26.60 17.52 -4.27
N GLY A 565 26.57 17.04 -5.52
CA GLY A 565 25.95 17.81 -6.59
C GLY A 565 24.88 17.11 -7.40
N GLY A 566 24.91 15.78 -7.42
CA GLY A 566 24.07 15.08 -8.37
C GLY A 566 24.55 15.52 -9.72
N VAL A 567 25.86 15.72 -9.80
CA VAL A 567 26.56 15.85 -11.05
C VAL A 567 26.72 14.42 -11.46
N THR A 568 26.39 14.07 -12.70
CA THR A 568 26.44 12.67 -13.07
C THR A 568 27.89 12.23 -13.26
N LEU A 569 28.17 10.98 -12.94
CA LEU A 569 29.46 10.38 -13.23
C LEU A 569 29.29 9.45 -14.40
N TRP A 570 28.18 8.73 -14.39
CA TRP A 570 27.85 7.85 -15.49
C TRP A 570 26.39 7.47 -15.51
N THR A 571 26.00 6.84 -16.62
CA THR A 571 24.64 6.44 -16.86
C THR A 571 24.65 5.19 -17.69
N GLN A 572 23.74 4.27 -17.37
CA GLN A 572 23.53 3.09 -18.19
C GLN A 572 22.07 3.12 -18.60
N SER A 573 21.78 2.91 -19.88
CA SER A 573 20.42 3.09 -20.38
C SER A 573 19.95 2.01 -21.37
N ASP A 574 20.63 0.86 -21.40
CA ASP A 574 20.27 -0.20 -22.35
C ASP A 574 19.19 -1.11 -21.74
N LEU A 575 18.93 -0.91 -20.46
CA LEU A 575 17.88 -1.65 -19.75
C LEU A 575 16.60 -0.84 -19.68
N LEU A 576 16.38 0.04 -20.65
CA LEU A 576 15.29 1.01 -20.53
C LEU A 576 13.91 0.37 -20.60
N HIS A 577 13.09 0.75 -19.63
CA HIS A 577 11.72 0.38 -19.58
C HIS A 577 11.58 -1.08 -19.36
N ARG A 578 12.60 -1.64 -18.72
CA ARG A 578 12.67 -3.06 -18.43
C ARG A 578 12.12 -3.36 -17.07
N LEU A 579 11.56 -2.37 -16.39
CA LEU A 579 10.91 -2.64 -15.11
C LEU A 579 11.89 -3.29 -14.16
N LEU A 580 12.78 -2.45 -13.61
CA LEU A 580 13.89 -2.88 -12.79
C LEU A 580 13.64 -2.70 -11.30
N THR A 581 14.36 -3.49 -10.52
CA THR A 581 14.33 -3.47 -9.07
C THR A 581 15.06 -2.27 -8.49
N SER A 582 15.13 -2.23 -7.15
CA SER A 582 15.95 -1.26 -6.45
C SER A 582 17.41 -1.68 -6.49
N PRO A 583 18.33 -0.71 -6.47
CA PRO A 583 19.76 -1.00 -6.57
C PRO A 583 20.43 -1.36 -5.25
N VAL A 584 21.30 -2.37 -5.29
CA VAL A 584 22.14 -2.72 -4.13
C VAL A 584 23.53 -3.14 -4.59
N LEU A 585 24.52 -2.91 -3.73
CA LEU A 585 25.90 -3.32 -4.02
C LEU A 585 26.20 -4.67 -3.40
N TYR A 586 26.76 -5.56 -4.20
CA TYR A 586 27.20 -6.87 -3.73
C TYR A 586 28.62 -7.12 -4.21
N ASN A 587 29.55 -7.20 -3.26
CA ASN A 587 30.96 -7.35 -3.57
C ASN A 587 31.44 -6.23 -4.49
N GLY A 588 31.07 -5.00 -4.15
CA GLY A 588 31.53 -3.82 -4.86
C GLY A 588 30.88 -3.61 -6.22
N ASN A 589 29.93 -4.49 -6.57
CA ASN A 589 29.23 -4.38 -7.85
C ASN A 589 27.74 -4.14 -7.63
N LEU A 590 27.16 -3.33 -8.51
CA LEU A 590 25.75 -2.95 -8.41
C LEU A 590 24.86 -4.00 -9.09
N VAL A 591 24.00 -4.63 -8.29
CA VAL A 591 23.14 -5.74 -8.75
C VAL A 591 21.66 -5.42 -8.63
N VAL A 592 20.90 -5.72 -9.68
CA VAL A 592 19.46 -5.47 -9.69
C VAL A 592 18.81 -6.44 -10.67
N GLY A 593 17.51 -6.66 -10.55
CA GLY A 593 16.82 -7.64 -11.38
C GLY A 593 15.66 -7.06 -12.16
N ASP A 594 15.16 -7.80 -13.16
CA ASP A 594 14.02 -7.28 -13.91
C ASP A 594 12.96 -8.29 -14.32
N SER A 595 11.86 -7.70 -14.75
CA SER A 595 10.58 -8.37 -14.93
C SER A 595 10.64 -9.60 -15.82
N GLU A 596 11.75 -9.77 -16.52
CA GLU A 596 11.92 -10.93 -17.36
C GLU A 596 12.79 -11.97 -16.70
N GLY A 597 13.31 -11.63 -15.52
CA GLY A 597 14.02 -12.61 -14.73
C GLY A 597 15.51 -12.41 -14.51
N TYR A 598 16.17 -11.55 -15.28
CA TYR A 598 17.63 -11.46 -15.12
C TYR A 598 18.02 -10.51 -14.02
N LEU A 599 19.25 -10.68 -13.58
CA LEU A 599 19.88 -9.85 -12.59
C LEU A 599 21.08 -9.24 -13.26
N HIS A 600 21.24 -7.93 -13.15
CA HIS A 600 22.28 -7.25 -13.89
C HIS A 600 23.30 -6.64 -12.99
N TRP A 601 24.52 -7.13 -13.15
CA TRP A 601 25.65 -6.69 -12.36
C TRP A 601 26.39 -5.59 -13.08
N ILE A 602 26.24 -4.36 -12.58
CA ILE A 602 26.89 -3.21 -13.16
C ILE A 602 28.02 -2.75 -12.24
N ASN A 603 29.18 -2.43 -12.83
CA ASN A 603 30.26 -1.88 -12.04
C ASN A 603 30.03 -0.39 -11.82
N VAL A 604 30.69 0.17 -10.81
CA VAL A 604 30.36 1.49 -10.28
C VAL A 604 31.34 2.59 -10.66
N GLU A 605 32.40 2.24 -11.37
CA GLU A 605 33.37 3.23 -11.82
C GLU A 605 32.93 3.85 -13.15
N ASP A 606 32.13 3.10 -13.89
CA ASP A 606 31.90 3.32 -15.32
C ASP A 606 30.43 3.27 -15.72
N GLY A 607 29.76 2.19 -15.31
CA GLY A 607 28.36 1.97 -15.66
C GLY A 607 28.11 0.72 -16.50
N ARG A 608 29.16 -0.04 -16.82
CA ARG A 608 29.06 -1.17 -17.73
C ARG A 608 28.76 -2.49 -17.02
N PHE A 609 28.03 -3.37 -17.70
CA PHE A 609 27.69 -4.68 -17.14
C PHE A 609 28.92 -5.56 -17.05
N VAL A 610 29.26 -5.95 -15.83
CA VAL A 610 30.34 -6.91 -15.62
C VAL A 610 29.76 -8.32 -15.66
N ALA A 611 28.45 -8.41 -15.48
CA ALA A 611 27.78 -9.70 -15.55
C ALA A 611 26.27 -9.61 -15.77
N GLN A 612 25.71 -10.70 -16.24
CA GLN A 612 24.31 -10.77 -16.60
C GLN A 612 23.84 -12.23 -16.52
N GLN A 613 22.70 -12.46 -15.86
CA GLN A 613 22.27 -13.82 -15.53
C GLN A 613 20.78 -14.00 -15.69
N LYS A 614 20.31 -15.23 -15.86
CA LYS A 614 18.88 -15.52 -15.82
C LYS A 614 18.62 -16.47 -14.67
N VAL A 615 17.75 -16.09 -13.74
CA VAL A 615 17.45 -16.95 -12.59
C VAL A 615 16.03 -17.48 -12.58
N ASP A 616 15.05 -16.63 -12.90
CA ASP A 616 13.66 -17.05 -12.76
C ASP A 616 12.71 -16.30 -13.69
N SER A 617 12.24 -17.02 -14.70
CA SER A 617 11.43 -16.48 -15.79
C SER A 617 10.21 -15.66 -15.34
N SER A 618 9.79 -15.84 -14.10
CA SER A 618 8.58 -15.19 -13.58
C SER A 618 8.71 -13.68 -13.46
N GLY A 619 9.93 -13.23 -13.19
CA GLY A 619 10.22 -11.82 -13.16
C GLY A 619 10.61 -11.32 -11.79
N PHE A 620 11.16 -10.12 -11.75
CA PHE A 620 11.52 -9.49 -10.48
C PHE A 620 10.87 -8.11 -10.36
N GLN A 621 10.52 -7.76 -9.13
CA GLN A 621 9.88 -6.49 -8.85
C GLN A 621 10.30 -5.96 -7.48
N THR A 622 10.68 -6.85 -6.58
CA THR A 622 10.95 -6.49 -5.20
C THR A 622 12.44 -6.32 -4.93
N GLU A 623 12.76 -5.52 -3.90
CA GLU A 623 14.14 -5.17 -3.56
C GLU A 623 15.08 -6.36 -3.54
N PRO A 624 16.22 -6.26 -4.26
CA PRO A 624 17.29 -7.22 -3.97
C PRO A 624 17.86 -6.91 -2.59
N VAL A 625 18.14 -7.94 -1.80
CA VAL A 625 18.61 -7.75 -0.45
C VAL A 625 20.03 -8.30 -0.30
N ALA A 626 20.98 -7.42 0.01
CA ALA A 626 22.37 -7.79 0.15
C ALA A 626 22.86 -7.52 1.57
N ALA A 627 23.22 -8.59 2.28
CA ALA A 627 23.64 -8.49 3.66
C ALA A 627 24.48 -9.68 4.09
N ASP A 628 25.37 -9.45 5.05
CA ASP A 628 26.20 -10.51 5.64
C ASP A 628 26.90 -11.34 4.56
N GLY A 629 27.38 -10.67 3.53
CA GLY A 629 28.05 -11.33 2.43
C GLY A 629 27.12 -12.19 1.61
N LYS A 630 25.82 -12.06 1.85
CA LYS A 630 24.83 -12.83 1.12
C LYS A 630 23.86 -11.91 0.36
N LEU A 631 23.70 -12.20 -0.93
CA LEU A 631 22.73 -11.50 -1.76
C LEU A 631 21.49 -12.36 -1.85
N LEU A 632 20.31 -11.74 -1.76
CA LEU A 632 19.06 -12.46 -1.89
C LEU A 632 18.05 -11.64 -2.66
N ILE A 633 17.12 -12.33 -3.31
CA ILE A 633 16.06 -11.69 -4.04
C ILE A 633 14.92 -12.69 -4.21
N GLN A 634 13.69 -12.19 -4.24
CA GLN A 634 12.52 -13.06 -4.41
C GLN A 634 11.72 -12.63 -5.63
N ALA A 635 11.21 -13.63 -6.36
CA ALA A 635 10.54 -13.38 -7.63
C ALA A 635 9.05 -13.13 -7.45
N LYS A 636 8.35 -12.96 -8.57
CA LYS A 636 6.92 -12.81 -8.57
C LYS A 636 6.23 -14.17 -8.33
N ASP A 637 6.90 -15.23 -8.76
CA ASP A 637 6.37 -16.58 -8.58
C ASP A 637 6.44 -16.98 -7.10
N GLY A 638 7.31 -16.28 -6.35
CA GLY A 638 7.47 -16.53 -4.93
C GLY A 638 8.80 -17.17 -4.58
N THR A 639 9.46 -17.74 -5.58
CA THR A 639 10.74 -18.43 -5.36
C THR A 639 11.80 -17.46 -4.85
N VAL A 640 12.52 -17.88 -3.82
CA VAL A 640 13.53 -17.03 -3.19
C VAL A 640 14.94 -17.56 -3.47
N TYR A 641 15.83 -16.67 -3.87
CA TYR A 641 17.16 -17.05 -4.35
C TYR A 641 18.29 -16.47 -3.51
N SER A 642 19.38 -17.22 -3.41
CA SER A 642 20.63 -16.73 -2.82
C SER A 642 21.75 -16.89 -3.84
N ILE A 643 22.19 -15.78 -4.42
CA ILE A 643 23.19 -15.82 -5.48
C ILE A 643 24.59 -15.83 -4.89
N THR A 644 25.54 -16.42 -5.63
CA THR A 644 26.93 -16.43 -5.22
C THR A 644 27.82 -16.33 -6.45
N ARG A 645 28.90 -15.56 -6.36
CA ARG A 645 29.82 -15.42 -7.49
C ARG A 645 30.65 -16.69 -7.64
#